data_3W45
#
_entry.id   3W45
#
_cell.length_a   33.108
_cell.length_b   41.614
_cell.length_c   68.806
_cell.angle_alpha   80.810
_cell.angle_beta   89.950
_cell.angle_gamma   71.080
#
_symmetry.space_group_name_H-M   'P 1'
#
loop_
_entity.id
_entity.type
_entity.pdbx_description
1 polymer 'Phosphoserine phosphatase RsbX'
2 non-polymer 'COBALT (II) ION'
3 water water
#
_entity_poly.entity_id   1
_entity_poly.type   'polypeptide(L)'
_entity_poly.pdbx_seq_one_letter_code
;MIQVEENEHIQTLVYQLNKEGKSICGDSFFMKADDKELICAVADGLGSGSLANESSAAIKDLVENYASEDVESIIERCNQ
AMKNKRGATASILKINFEQRQFTYCSVGNVRFILHSPSGESFYPLPISGYLSGKPQKYKTHTATYEKGSKFIIHTDGLNV
PDIRSHLKKGQSVEEISNSLKMYTTSRKDDLTYILGQLS
;
_entity_poly.pdbx_strand_id   A,B
#
loop_
_chem_comp.id
_chem_comp.type
_chem_comp.name
_chem_comp.formula
CO non-polymer 'COBALT (II) ION' 'Co 2'
#
# COMPACT_ATOMS: atom_id res chain seq x y z
N MET A 1 2.64 -25.11 7.77
CA MET A 1 1.63 -26.13 8.09
C MET A 1 0.53 -26.20 7.04
N ILE A 2 -0.03 -27.39 6.86
CA ILE A 2 -1.12 -27.62 5.87
C ILE A 2 -2.31 -28.30 6.55
N GLN A 3 -3.51 -27.82 6.25
CA GLN A 3 -4.74 -28.38 6.77
C GLN A 3 -5.70 -28.59 5.61
N VAL A 4 -6.20 -29.83 5.45
CA VAL A 4 -7.13 -30.09 4.36
C VAL A 4 -8.50 -30.53 4.90
N GLU A 5 -9.56 -30.19 4.17
CA GLU A 5 -10.91 -30.58 4.59
C GLU A 5 -11.73 -30.85 3.34
N GLU A 6 -12.77 -31.66 3.46
CA GLU A 6 -13.56 -31.99 2.29
C GLU A 6 -14.95 -32.43 2.73
N ASN A 7 -15.93 -31.96 1.96
CA ASN A 7 -17.28 -32.51 2.04
C ASN A 7 -17.86 -32.64 0.63
N GLU A 8 -19.16 -32.86 0.52
CA GLU A 8 -19.78 -33.08 -0.79
C GLU A 8 -19.70 -31.85 -1.73
N HIS A 9 -19.52 -30.67 -1.14
CA HIS A 9 -19.68 -29.42 -1.89
C HIS A 9 -18.39 -28.66 -2.10
N ILE A 10 -17.37 -28.95 -1.31
CA ILE A 10 -16.10 -28.23 -1.40
C ILE A 10 -14.96 -29.07 -0.87
N GLN A 11 -13.80 -28.89 -1.47
CA GLN A 11 -12.58 -29.35 -0.83
CA GLN A 11 -12.57 -29.39 -0.93
C GLN A 11 -11.66 -28.17 -0.65
N THR A 12 -11.08 -28.12 0.54
CA THR A 12 -10.21 -26.96 0.83
C THR A 12 -8.80 -27.34 1.32
N LEU A 13 -7.88 -26.38 1.16
CA LEU A 13 -6.57 -26.57 1.75
C LEU A 13 -6.11 -25.23 2.31
N VAL A 14 -5.69 -25.22 3.57
CA VAL A 14 -5.03 -24.03 4.13
C VAL A 14 -3.54 -24.28 4.25
N TYR A 15 -2.72 -23.32 3.80
CA TYR A 15 -1.27 -23.41 3.96
C TYR A 15 -0.82 -22.17 4.72
N GLN A 16 0.05 -22.33 5.70
CA GLN A 16 0.63 -21.15 6.34
C GLN A 16 2.06 -21.42 6.76
N LEU A 17 2.94 -20.46 6.48
CA LEU A 17 4.32 -20.59 6.94
C LEU A 17 4.85 -19.25 7.35
N ASN A 18 5.62 -19.22 8.43
CA ASN A 18 6.18 -17.95 8.92
C ASN A 18 7.31 -17.46 8.06
N LYS A 19 7.49 -16.14 8.03
CA LYS A 19 8.74 -15.54 7.55
C LYS A 19 9.91 -16.28 8.13
N GLU A 20 10.97 -16.44 7.32
CA GLU A 20 12.19 -17.13 7.76
C GLU A 20 12.73 -16.54 9.06
N GLY A 21 12.96 -17.37 10.06
CA GLY A 21 13.48 -16.90 11.36
C GLY A 21 12.50 -16.21 12.30
N LYS A 22 11.22 -16.18 11.94
CA LYS A 22 10.27 -15.37 12.69
C LYS A 22 9.38 -16.31 13.51
N SER A 23 9.38 -16.12 14.83
CA SER A 23 8.63 -17.00 15.72
C SER A 23 7.11 -16.78 15.72
N ILE A 24 6.66 -15.51 15.72
CA ILE A 24 5.24 -15.21 15.86
C ILE A 24 4.68 -14.83 14.50
N CYS A 25 3.74 -15.61 13.99
CA CYS A 25 3.10 -15.27 12.71
C CYS A 25 2.19 -14.07 12.87
N GLY A 26 2.28 -13.11 11.93
CA GLY A 26 1.37 -12.02 11.88
C GLY A 26 0.08 -12.26 11.09
N ASP A 27 -0.01 -13.36 10.36
CA ASP A 27 -1.19 -13.68 9.52
C ASP A 27 -2.12 -14.56 10.37
N SER A 28 -3.43 -14.50 10.12
CA SER A 28 -4.34 -15.48 10.69
C SER A 28 -5.33 -15.93 9.65
N PHE A 29 -5.98 -17.04 9.91
CA PHE A 29 -7.10 -17.45 9.06
C PHE A 29 -8.18 -18.09 9.93
N PHE A 30 -9.37 -18.14 9.38
CA PHE A 30 -10.40 -18.99 9.91
C PHE A 30 -11.16 -19.65 8.76
N MET A 31 -11.47 -20.94 8.90
CA MET A 31 -12.36 -21.55 7.93
C MET A 31 -13.23 -22.60 8.62
N LYS A 32 -14.51 -22.59 8.28
CA LYS A 32 -15.44 -23.65 8.68
C LYS A 32 -16.42 -23.91 7.55
N ALA A 33 -16.55 -25.19 7.16
CA ALA A 33 -17.55 -25.59 6.17
C ALA A 33 -18.45 -26.63 6.82
N ASP A 34 -19.74 -26.56 6.56
CA ASP A 34 -20.63 -27.66 6.91
C ASP A 34 -21.39 -28.07 5.64
N ASP A 35 -22.44 -28.86 5.77
CA ASP A 35 -23.10 -29.34 4.55
C ASP A 35 -23.79 -28.22 3.77
N LYS A 36 -24.03 -27.08 4.43
CA LYS A 36 -24.78 -26.00 3.84
C LYS A 36 -23.99 -24.75 3.39
N GLU A 37 -22.96 -24.41 4.16
CA GLU A 37 -22.21 -23.20 3.87
C GLU A 37 -20.72 -23.24 4.28
N LEU A 38 -19.96 -22.32 3.72
CA LEU A 38 -18.56 -22.12 4.09
C LEU A 38 -18.43 -20.69 4.61
N ILE A 39 -17.63 -20.53 5.66
CA ILE A 39 -17.14 -19.19 6.02
C ILE A 39 -15.62 -19.28 6.06
N CYS A 40 -14.95 -18.29 5.49
CA CYS A 40 -13.54 -18.23 5.71
C CYS A 40 -13.01 -16.82 5.65
N ALA A 41 -11.83 -16.64 6.22
CA ALA A 41 -11.25 -15.31 6.33
C ALA A 41 -9.76 -15.44 6.42
N VAL A 42 -9.06 -14.47 5.87
CA VAL A 42 -7.61 -14.42 6.00
C VAL A 42 -7.26 -12.97 6.34
N ALA A 43 -6.38 -12.77 7.32
CA ALA A 43 -5.94 -11.43 7.71
C ALA A 43 -4.42 -11.36 7.90
N ASP A 44 -3.88 -10.16 7.74
CA ASP A 44 -2.47 -9.93 7.91
C ASP A 44 -2.36 -8.70 8.80
N GLY A 45 -1.91 -8.90 10.06
CA GLY A 45 -1.76 -7.76 10.95
C GLY A 45 -0.69 -6.73 10.59
N LEU A 46 -1.00 -5.47 10.86
CA LEU A 46 -0.01 -4.44 10.70
C LEU A 46 0.99 -4.51 11.85
N GLY A 47 2.12 -3.84 11.66
CA GLY A 47 3.16 -3.88 12.66
C GLY A 47 3.87 -5.21 12.63
N SER A 48 4.28 -5.66 13.83
CA SER A 48 5.14 -6.80 13.97
C SER A 48 4.97 -7.43 15.35
N GLY A 49 5.67 -8.55 15.55
CA GLY A 49 5.66 -9.28 16.83
C GLY A 49 4.28 -9.73 17.27
N SER A 50 4.03 -9.60 18.57
CA SER A 50 2.76 -10.03 19.12
C SER A 50 1.63 -9.13 18.66
N LEU A 51 1.98 -7.89 18.31
CA LEU A 51 0.97 -6.89 18.07
C LEU A 51 0.33 -7.14 16.71
N ALA A 52 1.12 -7.58 15.72
CA ALA A 52 0.53 -7.96 14.42
C ALA A 52 -0.44 -9.12 14.64
N ASN A 53 0.02 -10.11 15.39
CA ASN A 53 -0.76 -11.32 15.67
C ASN A 53 -2.04 -10.95 16.42
N GLU A 54 -1.94 -10.06 17.39
CA GLU A 54 -3.12 -9.65 18.17
C GLU A 54 -4.24 -9.09 17.26
N SER A 55 -3.87 -8.32 16.25
CA SER A 55 -4.81 -7.77 15.29
C SER A 55 -5.42 -8.85 14.38
N SER A 56 -4.60 -9.63 13.71
CA SER A 56 -5.15 -10.66 12.83
C SER A 56 -5.87 -11.77 13.59
N ALA A 57 -5.38 -12.09 14.80
CA ALA A 57 -6.06 -13.09 15.65
C ALA A 57 -7.47 -12.62 16.09
N ALA A 58 -7.63 -11.33 16.36
CA ALA A 58 -8.95 -10.76 16.71
C ALA A 58 -9.92 -10.97 15.55
N ILE A 59 -9.42 -10.84 14.34
CA ILE A 59 -10.24 -11.10 13.15
C ILE A 59 -10.67 -12.58 13.07
N LYS A 60 -9.72 -13.48 13.24
CA LYS A 60 -9.99 -14.91 13.30
CA LYS A 60 -9.99 -14.92 13.31
C LYS A 60 -11.11 -15.23 14.30
N ASP A 61 -11.03 -14.65 15.49
CA ASP A 61 -12.02 -14.91 16.54
C ASP A 61 -13.41 -14.38 16.20
N LEU A 62 -13.46 -13.16 15.69
CA LEU A 62 -14.74 -12.54 15.34
C LEU A 62 -15.42 -13.23 14.18
N VAL A 63 -14.64 -13.67 13.20
CA VAL A 63 -15.26 -14.37 12.06
C VAL A 63 -15.88 -15.69 12.51
N GLU A 64 -15.20 -16.39 13.43
CA GLU A 64 -15.74 -17.64 13.96
C GLU A 64 -17.06 -17.36 14.71
N ASN A 65 -17.03 -16.33 15.54
CA ASN A 65 -18.13 -16.02 16.45
CA ASN A 65 -18.15 -16.05 16.43
C ASN A 65 -19.37 -15.45 15.76
N TYR A 66 -19.14 -14.75 14.66
CA TYR A 66 -20.23 -14.05 13.94
C TYR A 66 -20.44 -14.56 12.55
N ALA A 67 -19.99 -15.78 12.31
CA ALA A 67 -20.13 -16.47 11.00
C ALA A 67 -21.50 -16.44 10.35
N SER A 68 -22.57 -16.41 11.17
CA SER A 68 -23.91 -16.34 10.56
C SER A 68 -24.31 -14.96 10.02
N GLU A 69 -23.57 -13.92 10.42
CA GLU A 69 -23.86 -12.56 9.92
C GLU A 69 -23.42 -12.38 8.48
N ASP A 70 -23.98 -11.39 7.80
CA ASP A 70 -23.49 -11.09 6.45
C ASP A 70 -22.03 -10.60 6.45
N VAL A 71 -21.32 -10.74 5.33
CA VAL A 71 -19.87 -10.42 5.34
C VAL A 71 -19.57 -8.98 5.74
N GLU A 72 -20.43 -8.05 5.33
CA GLU A 72 -20.21 -6.66 5.62
C GLU A 72 -20.41 -6.41 7.13
N SER A 73 -21.34 -7.15 7.75
CA SER A 73 -21.52 -7.03 9.19
C SER A 73 -20.30 -7.55 9.94
N ILE A 74 -19.83 -8.71 9.49
CA ILE A 74 -18.66 -9.29 10.10
C ILE A 74 -17.46 -8.33 9.95
N ILE A 75 -17.20 -7.83 8.73
CA ILE A 75 -15.99 -7.05 8.56
C ILE A 75 -16.03 -5.72 9.39
N GLU A 76 -17.24 -5.24 9.66
CA GLU A 76 -17.37 -4.01 10.46
C GLU A 76 -17.07 -4.32 11.93
N ARG A 77 -17.48 -5.49 12.43
CA ARG A 77 -17.04 -5.91 13.79
C ARG A 77 -15.52 -6.00 13.86
N CYS A 78 -14.91 -6.60 12.82
CA CYS A 78 -13.44 -6.66 12.78
C CYS A 78 -12.84 -5.25 12.82
N ASN A 79 -13.41 -4.33 12.03
CA ASN A 79 -12.91 -2.96 12.00
C ASN A 79 -12.97 -2.32 13.40
N GLN A 80 -14.11 -2.45 14.05
CA GLN A 80 -14.27 -1.95 15.44
C GLN A 80 -13.22 -2.49 16.38
N ALA A 81 -12.89 -3.77 16.22
CA ALA A 81 -11.92 -4.41 17.12
C ALA A 81 -10.50 -3.90 16.91
N MET A 82 -10.25 -3.26 15.77
CA MET A 82 -8.92 -2.70 15.47
C MET A 82 -8.63 -1.36 16.14
N LYS A 83 -9.65 -0.73 16.73
CA LYS A 83 -9.53 0.63 17.30
C LYS A 83 -8.27 0.92 18.11
N ASN A 84 -7.98 0.11 19.11
CA ASN A 84 -6.75 0.37 19.86
C ASN A 84 -5.63 -0.63 19.57
N LYS A 85 -5.54 -1.06 18.31
CA LYS A 85 -4.60 -2.10 17.90
C LYS A 85 -3.92 -1.66 16.64
N ARG A 86 -2.97 -2.47 16.19
CA ARG A 86 -2.18 -2.14 14.98
C ARG A 86 -3.07 -2.04 13.74
N GLY A 87 -4.09 -2.89 13.67
CA GLY A 87 -4.95 -2.94 12.50
C GLY A 87 -4.53 -4.13 11.64
N ALA A 88 -5.30 -4.39 10.57
CA ALA A 88 -4.99 -5.54 9.72
C ALA A 88 -5.63 -5.36 8.38
N THR A 89 -5.03 -5.97 7.37
CA THR A 89 -5.72 -6.12 6.10
C THR A 89 -6.47 -7.45 6.20
N ALA A 90 -7.61 -7.56 5.53
CA ALA A 90 -8.43 -8.77 5.70
C ALA A 90 -9.40 -8.97 4.57
N SER A 91 -9.71 -10.23 4.33
CA SER A 91 -10.75 -10.62 3.36
C SER A 91 -11.65 -11.67 3.98
N ILE A 92 -12.95 -11.51 3.79
CA ILE A 92 -13.95 -12.46 4.30
C ILE A 92 -14.83 -13.01 3.18
N LEU A 93 -15.00 -14.33 3.14
CA LEU A 93 -15.78 -14.96 2.07
C LEU A 93 -16.82 -15.87 2.71
N LYS A 94 -18.04 -15.79 2.22
CA LYS A 94 -19.06 -16.76 2.59
C LYS A 94 -19.60 -17.43 1.34
N ILE A 95 -19.90 -18.71 1.46
CA ILE A 95 -20.46 -19.46 0.33
C ILE A 95 -21.70 -20.24 0.81
N ASN A 96 -22.79 -20.14 0.08
CA ASN A 96 -23.94 -21.00 0.32
C ASN A 96 -23.96 -22.05 -0.80
N PHE A 97 -23.82 -23.32 -0.46
CA PHE A 97 -23.62 -24.36 -1.46
C PHE A 97 -24.88 -24.65 -2.29
N GLU A 98 -26.03 -24.69 -1.62
CA GLU A 98 -27.28 -25.03 -2.36
C GLU A 98 -27.61 -24.00 -3.47
N GLN A 99 -27.32 -22.75 -3.19
CA GLN A 99 -27.52 -21.70 -4.17
C GLN A 99 -26.32 -21.45 -5.09
N ARG A 100 -25.22 -22.14 -4.82
CA ARG A 100 -23.89 -21.79 -5.41
C ARG A 100 -23.70 -20.27 -5.46
N GLN A 101 -23.82 -19.62 -4.31
CA GLN A 101 -23.67 -18.19 -4.25
C GLN A 101 -22.57 -17.86 -3.26
N PHE A 102 -21.74 -16.91 -3.63
CA PHE A 102 -20.75 -16.42 -2.67
C PHE A 102 -20.92 -14.92 -2.45
N THR A 103 -20.48 -14.46 -1.27
CA THR A 103 -20.43 -13.07 -0.91
C THR A 103 -19.03 -12.80 -0.38
N TYR A 104 -18.51 -11.64 -0.70
CA TYR A 104 -17.14 -11.36 -0.39
C TYR A 104 -16.97 -9.90 -0.02
N CYS A 105 -16.14 -9.64 0.98
CA CYS A 105 -15.86 -8.25 1.37
C CYS A 105 -14.43 -8.19 1.90
N SER A 106 -13.70 -7.16 1.51
CA SER A 106 -12.29 -7.09 1.86
C SER A 106 -11.86 -5.63 2.03
N VAL A 107 -10.82 -5.43 2.85
CA VAL A 107 -10.11 -4.13 2.89
C VAL A 107 -8.60 -4.44 2.98
N GLY A 108 -7.83 -3.89 2.04
CA GLY A 108 -6.37 -4.07 2.07
C GLY A 108 -5.91 -5.04 1.00
N ASN A 109 -4.74 -5.66 1.23
CA ASN A 109 -3.98 -6.37 0.19
C ASN A 109 -4.05 -7.92 0.32
N VAL A 110 -5.03 -8.44 1.05
CA VAL A 110 -5.28 -9.87 1.03
C VAL A 110 -6.12 -10.12 -0.20
N ARG A 111 -5.61 -10.94 -1.11
CA ARG A 111 -6.26 -11.08 -2.43
C ARG A 111 -7.17 -12.31 -2.54
N PHE A 112 -8.16 -12.22 -3.42
CA PHE A 112 -9.08 -13.34 -3.68
C PHE A 112 -9.21 -13.46 -5.20
N ILE A 113 -9.09 -14.68 -5.72
CA ILE A 113 -9.27 -14.93 -7.15
C ILE A 113 -10.14 -16.17 -7.23
N LEU A 114 -11.22 -16.08 -8.00
CA LEU A 114 -12.10 -17.26 -8.22
C LEU A 114 -12.13 -17.53 -9.74
N HIS A 115 -11.74 -18.73 -10.12
CA HIS A 115 -11.65 -19.08 -11.52
C HIS A 115 -12.81 -20.02 -11.85
N SER A 116 -13.52 -19.69 -12.90
CA SER A 116 -14.64 -20.48 -13.38
C SER A 116 -14.16 -21.37 -14.56
N PRO A 117 -14.67 -22.62 -14.69
CA PRO A 117 -14.32 -23.51 -15.82
C PRO A 117 -14.59 -22.89 -17.21
N SER A 118 -15.69 -22.15 -17.36
CA SER A 118 -15.91 -21.30 -18.56
C SER A 118 -14.73 -20.33 -18.93
N GLY A 119 -13.82 -20.07 -17.99
CA GLY A 119 -12.67 -19.21 -18.23
C GLY A 119 -12.79 -17.81 -17.68
N GLU A 120 -13.93 -17.48 -17.11
CA GLU A 120 -14.06 -16.17 -16.45
C GLU A 120 -13.49 -16.27 -15.03
N SER A 121 -12.91 -15.19 -14.57
CA SER A 121 -12.41 -15.13 -13.20
C SER A 121 -13.06 -13.93 -12.49
N PHE A 122 -13.28 -14.05 -11.18
CA PHE A 122 -13.53 -12.90 -10.35
C PHE A 122 -12.19 -12.64 -9.68
N TYR A 123 -11.64 -11.44 -9.90
CA TYR A 123 -10.33 -11.09 -9.42
C TYR A 123 -10.31 -9.60 -9.06
N PRO A 124 -10.99 -9.23 -7.97
CA PRO A 124 -11.07 -7.83 -7.60
C PRO A 124 -9.71 -7.20 -7.31
N LEU A 125 -9.58 -5.92 -7.64
CA LEU A 125 -8.41 -5.17 -7.20
C LEU A 125 -8.43 -5.01 -5.66
N PRO A 126 -7.23 -4.86 -5.06
CA PRO A 126 -7.17 -4.64 -3.63
C PRO A 126 -7.74 -3.24 -3.30
N ILE A 127 -8.47 -3.17 -2.19
CA ILE A 127 -8.99 -1.90 -1.67
C ILE A 127 -7.90 -1.30 -0.83
N SER A 128 -7.54 -0.04 -1.09
CA SER A 128 -6.47 0.61 -0.33
C SER A 128 -6.77 0.70 1.17
N GLY A 129 -5.70 0.88 1.94
CA GLY A 129 -5.82 1.03 3.37
C GLY A 129 -5.84 -0.31 4.09
N TYR A 130 -6.48 -0.28 5.26
CA TYR A 130 -6.57 -1.46 6.10
C TYR A 130 -7.67 -1.20 7.12
N LEU A 131 -8.01 -2.21 7.90
CA LEU A 131 -8.99 -2.06 8.98
C LEU A 131 -8.31 -1.46 10.20
N SER A 132 -8.64 -0.20 10.53
CA SER A 132 -7.97 0.57 11.57
C SER A 132 -8.90 0.96 12.72
N GLY A 133 -10.19 0.70 12.56
CA GLY A 133 -11.18 1.14 13.53
C GLY A 133 -11.84 2.45 13.13
N LYS A 134 -11.30 3.13 12.12
CA LYS A 134 -11.94 4.32 11.55
C LYS A 134 -13.04 3.92 10.56
N PRO A 135 -13.95 4.85 10.19
CA PRO A 135 -15.08 4.48 9.32
C PRO A 135 -14.66 3.98 7.94
N GLN A 136 -15.41 3.03 7.39
CA GLN A 136 -15.10 2.49 6.08
C GLN A 136 -16.31 2.48 5.21
N LYS A 137 -16.10 2.59 3.90
CA LYS A 137 -17.18 2.37 2.96
C LYS A 137 -16.95 1.05 2.22
N TYR A 138 -17.56 -0.01 2.74
CA TYR A 138 -17.30 -1.36 2.28
C TYR A 138 -17.92 -1.64 0.91
N LYS A 139 -17.29 -2.53 0.17
CA LYS A 139 -17.82 -3.00 -1.10
C LYS A 139 -18.03 -4.50 -0.87
N THR A 140 -19.28 -4.95 -0.94
CA THR A 140 -19.56 -6.40 -0.90
C THR A 140 -19.88 -6.89 -2.30
N HIS A 141 -19.28 -8.00 -2.70
CA HIS A 141 -19.59 -8.63 -3.97
CA HIS A 141 -19.57 -8.62 -3.98
C HIS A 141 -20.47 -9.84 -3.72
N THR A 142 -21.55 -9.97 -4.49
CA THR A 142 -22.38 -11.19 -4.40
C THR A 142 -22.47 -11.77 -5.81
N ALA A 143 -22.20 -13.06 -5.96
CA ALA A 143 -22.24 -13.66 -7.28
C ALA A 143 -22.52 -15.16 -7.20
N THR A 144 -23.00 -15.69 -8.31
CA THR A 144 -23.17 -17.13 -8.45
C THR A 144 -21.89 -17.70 -9.04
N TYR A 145 -21.45 -18.85 -8.54
CA TYR A 145 -20.34 -19.61 -9.16
C TYR A 145 -20.84 -20.88 -9.86
N GLU A 146 -20.12 -21.34 -10.87
CA GLU A 146 -20.50 -22.60 -11.55
C GLU A 146 -19.75 -23.78 -10.94
N LYS A 147 -20.35 -24.97 -11.00
CA LYS A 147 -19.64 -26.19 -10.53
C LYS A 147 -18.24 -26.30 -11.22
N GLY A 148 -17.23 -26.66 -10.42
CA GLY A 148 -15.87 -26.79 -10.90
C GLY A 148 -15.01 -25.56 -10.63
N SER A 149 -15.63 -24.48 -10.14
CA SER A 149 -14.87 -23.26 -9.81
C SER A 149 -13.81 -23.52 -8.73
N LYS A 150 -12.66 -22.85 -8.84
CA LYS A 150 -11.54 -23.05 -7.92
C LYS A 150 -11.12 -21.66 -7.51
N PHE A 151 -10.78 -21.48 -6.22
CA PHE A 151 -10.41 -20.11 -5.74
C PHE A 151 -9.22 -20.15 -4.81
N ILE A 152 -8.63 -18.99 -4.61
CA ILE A 152 -7.58 -18.85 -3.58
C ILE A 152 -7.83 -17.52 -2.87
N ILE A 153 -7.58 -17.50 -1.57
CA ILE A 153 -7.43 -16.29 -0.81
C ILE A 153 -6.04 -16.29 -0.26
N HIS A 154 -5.28 -15.22 -0.50
CA HIS A 154 -3.89 -15.21 -0.01
C HIS A 154 -3.38 -13.87 0.54
N THR A 155 -2.48 -13.97 1.50
CA THR A 155 -1.78 -12.75 1.98
C THR A 155 -0.65 -12.31 1.04
N ASP A 156 -0.13 -11.13 1.28
CA ASP A 156 0.93 -10.57 0.41
C ASP A 156 2.26 -11.32 0.47
N GLY A 157 2.42 -12.25 1.41
CA GLY A 157 3.62 -13.09 1.42
C GLY A 157 3.68 -14.04 0.23
N LEU A 158 2.54 -14.28 -0.43
CA LEU A 158 2.48 -15.06 -1.67
C LEU A 158 2.46 -14.11 -2.84
N ASN A 159 3.54 -14.17 -3.64
CA ASN A 159 3.66 -13.33 -4.81
C ASN A 159 3.83 -14.21 -6.05
N VAL A 160 2.79 -14.25 -6.89
CA VAL A 160 2.70 -15.22 -8.01
C VAL A 160 2.37 -14.47 -9.29
N PRO A 161 3.20 -14.65 -10.34
CA PRO A 161 2.96 -13.83 -11.54
C PRO A 161 1.57 -14.06 -12.15
N ASP A 162 1.13 -15.30 -12.18
CA ASP A 162 -0.06 -15.59 -12.95
C ASP A 162 -0.90 -16.56 -12.17
N ILE A 163 -1.44 -16.09 -11.04
CA ILE A 163 -2.20 -16.97 -10.15
C ILE A 163 -3.32 -17.70 -10.88
N ARG A 164 -4.01 -17.01 -11.79
CA ARG A 164 -5.12 -17.64 -12.51
C ARG A 164 -4.73 -18.94 -13.19
N SER A 165 -3.51 -18.97 -13.73
CA SER A 165 -3.03 -20.16 -14.42
C SER A 165 -2.92 -21.37 -13.51
N HIS A 166 -2.48 -21.18 -12.25
CA HIS A 166 -2.36 -22.29 -11.32
C HIS A 166 -3.73 -22.83 -10.97
N LEU A 167 -4.70 -21.94 -10.82
CA LEU A 167 -6.07 -22.38 -10.53
C LEU A 167 -6.66 -23.16 -11.71
N LYS A 168 -6.43 -22.66 -12.92
CA LYS A 168 -6.96 -23.28 -14.13
C LYS A 168 -6.40 -24.69 -14.34
N LYS A 169 -5.10 -24.80 -14.27
CA LYS A 169 -4.48 -26.08 -14.55
C LYS A 169 -4.66 -27.17 -13.51
N GLY A 170 -4.67 -26.78 -12.23
CA GLY A 170 -4.77 -27.74 -11.14
C GLY A 170 -6.11 -28.42 -11.10
N GLN A 171 -6.10 -29.73 -10.87
CA GLN A 171 -7.38 -30.43 -10.79
C GLN A 171 -7.84 -30.76 -9.35
N SER A 172 -7.04 -30.36 -8.35
CA SER A 172 -7.38 -30.56 -6.94
C SER A 172 -6.66 -29.49 -6.12
N VAL A 173 -7.15 -29.19 -4.91
CA VAL A 173 -6.44 -28.19 -4.12
C VAL A 173 -5.01 -28.65 -3.77
N GLU A 174 -4.80 -29.95 -3.59
CA GLU A 174 -3.45 -30.45 -3.35
C GLU A 174 -2.54 -30.16 -4.52
N GLU A 175 -3.04 -30.37 -5.73
CA GLU A 175 -2.23 -30.05 -6.95
C GLU A 175 -1.90 -28.58 -7.10
N ILE A 176 -2.89 -27.72 -6.87
CA ILE A 176 -2.66 -26.29 -6.96
C ILE A 176 -1.64 -25.90 -5.90
N SER A 177 -1.81 -26.42 -4.67
CA SER A 177 -0.88 -26.05 -3.60
C SER A 177 0.56 -26.44 -4.01
N ASN A 178 0.72 -27.65 -4.53
CA ASN A 178 2.01 -28.13 -5.05
C ASN A 178 2.52 -27.27 -6.18
N SER A 179 1.60 -26.83 -7.04
CA SER A 179 1.88 -25.91 -8.15
C SER A 179 2.45 -24.57 -7.72
N LEU A 180 2.11 -24.13 -6.50
CA LEU A 180 2.59 -22.85 -5.94
C LEU A 180 3.87 -22.97 -5.15
N LYS A 181 4.38 -24.19 -4.99
CA LYS A 181 5.56 -24.48 -4.14
C LYS A 181 6.80 -23.57 -4.30
N MET A 182 7.16 -23.24 -5.54
CA MET A 182 8.33 -22.38 -5.78
C MET A 182 8.19 -20.96 -5.19
N TYR A 183 6.98 -20.52 -4.89
CA TYR A 183 6.72 -19.17 -4.39
C TYR A 183 6.73 -19.14 -2.87
N THR A 184 6.91 -20.30 -2.26
CA THR A 184 6.89 -20.44 -0.82
C THR A 184 8.28 -20.70 -0.21
N THR A 185 9.29 -20.91 -1.04
CA THR A 185 10.61 -21.33 -0.52
C THR A 185 11.42 -20.17 0.07
N SER A 186 11.24 -18.95 -0.44
CA SER A 186 11.99 -17.79 0.06
C SER A 186 11.62 -17.33 1.50
N ARG A 187 10.32 -17.38 1.85
CA ARG A 187 9.83 -16.95 3.17
C ARG A 187 10.26 -15.52 3.56
N LYS A 188 10.22 -14.57 2.61
CA LYS A 188 10.47 -13.15 2.89
C LYS A 188 9.43 -12.52 3.83
N ASP A 189 8.21 -13.08 3.82
CA ASP A 189 7.15 -12.60 4.71
C ASP A 189 6.37 -13.83 5.17
N ASP A 190 5.54 -13.67 6.20
CA ASP A 190 4.51 -14.70 6.47
C ASP A 190 3.69 -14.93 5.22
N LEU A 191 3.34 -16.20 4.97
CA LEU A 191 2.63 -16.60 3.75
C LEU A 191 1.46 -17.48 4.17
N THR A 192 0.25 -17.02 3.87
CA THR A 192 -0.97 -17.78 4.16
C THR A 192 -1.84 -17.84 2.89
N TYR A 193 -2.35 -19.02 2.57
CA TYR A 193 -3.39 -19.09 1.53
C TYR A 193 -4.43 -20.17 1.83
N ILE A 194 -5.66 -19.90 1.40
CA ILE A 194 -6.73 -20.88 1.46
C ILE A 194 -7.11 -21.18 0.02
N LEU A 195 -7.12 -22.48 -0.34
CA LEU A 195 -7.59 -22.91 -1.67
C LEU A 195 -8.91 -23.65 -1.53
N GLY A 196 -9.80 -23.46 -2.50
CA GLY A 196 -11.04 -24.25 -2.53
C GLY A 196 -11.35 -24.69 -3.93
N GLN A 197 -11.91 -25.90 -4.02
CA GLN A 197 -12.43 -26.47 -5.26
C GLN A 197 -13.90 -26.77 -4.99
N LEU A 198 -14.78 -26.16 -5.79
CA LEU A 198 -16.24 -26.20 -5.55
C LEU A 198 -16.95 -27.17 -6.49
N SER A 199 -17.78 -28.06 -5.92
CA SER A 199 -18.56 -29.00 -6.71
C SER A 199 -19.80 -28.32 -7.26
N MET B 1 -4.31 22.96 -7.96
CA MET B 1 -4.70 21.72 -8.69
C MET B 1 -4.39 20.45 -7.90
N ILE B 2 -5.17 19.41 -8.15
CA ILE B 2 -5.05 18.11 -7.45
C ILE B 2 -4.99 16.97 -8.48
N GLN B 3 -4.05 16.07 -8.27
CA GLN B 3 -3.88 14.92 -9.13
C GLN B 3 -3.83 13.67 -8.26
N VAL B 4 -4.67 12.69 -8.54
CA VAL B 4 -4.63 11.43 -7.78
C VAL B 4 -4.19 10.24 -8.67
N GLU B 5 -3.53 9.24 -8.09
CA GLU B 5 -3.17 8.03 -8.84
C GLU B 5 -3.21 6.87 -7.89
N GLU B 6 -3.40 5.68 -8.42
CA GLU B 6 -3.44 4.50 -7.55
C GLU B 6 -3.08 3.27 -8.33
N ASN B 7 -2.33 2.38 -7.67
CA ASN B 7 -2.13 1.03 -8.19
C ASN B 7 -2.15 0.09 -7.00
N GLU B 8 -1.69 -1.12 -7.21
CA GLU B 8 -1.77 -2.14 -6.16
C GLU B 8 -0.86 -1.80 -4.97
N HIS B 9 0.12 -0.94 -5.16
CA HIS B 9 1.16 -0.76 -4.12
C HIS B 9 1.14 0.60 -3.47
N ILE B 10 0.46 1.54 -4.11
CA ILE B 10 0.48 2.91 -3.62
C ILE B 10 -0.73 3.71 -4.07
N GLN B 11 -1.18 4.62 -3.20
CA GLN B 11 -2.20 5.60 -3.55
C GLN B 11 -1.58 6.96 -3.32
N THR B 12 -1.70 7.85 -4.32
CA THR B 12 -1.06 9.16 -4.16
C THR B 12 -1.96 10.33 -4.49
N LEU B 13 -1.58 11.51 -3.96
CA LEU B 13 -2.27 12.74 -4.24
C LEU B 13 -1.24 13.84 -4.32
N VAL B 14 -1.28 14.59 -5.41
CA VAL B 14 -0.42 15.77 -5.57
C VAL B 14 -1.31 17.02 -5.53
N TYR B 15 -0.90 18.01 -4.74
CA TYR B 15 -1.63 19.28 -4.62
C TYR B 15 -0.64 20.35 -4.96
N GLN B 16 -1.02 21.32 -5.82
CA GLN B 16 -0.13 22.44 -6.03
C GLN B 16 -0.98 23.69 -6.21
N LEU B 17 -0.59 24.77 -5.55
CA LEU B 17 -1.27 26.04 -5.76
C LEU B 17 -0.24 27.15 -5.83
N ASN B 18 -0.46 28.08 -6.76
CA ASN B 18 0.46 29.22 -6.85
C ASN B 18 0.30 30.23 -5.70
N LYS B 19 1.38 30.92 -5.32
CA LYS B 19 1.24 32.11 -4.47
C LYS B 19 0.11 32.97 -5.05
N GLU B 20 -0.66 33.59 -4.18
CA GLU B 20 -1.78 34.36 -4.70
C GLU B 20 -1.27 35.51 -5.56
N GLY B 21 -1.95 35.70 -6.70
CA GLY B 21 -1.60 36.75 -7.63
C GLY B 21 -0.37 36.48 -8.47
N LYS B 22 0.29 35.33 -8.28
CA LYS B 22 1.49 34.97 -9.02
C LYS B 22 1.17 34.01 -10.18
N SER B 23 1.52 34.42 -11.40
CA SER B 23 1.20 33.65 -12.60
C SER B 23 2.09 32.42 -12.82
N ILE B 24 3.40 32.57 -12.62
CA ILE B 24 4.37 31.49 -12.90
C ILE B 24 4.74 30.77 -11.57
N CYS B 25 4.46 29.49 -11.47
CA CYS B 25 4.82 28.73 -10.22
C CYS B 25 6.31 28.43 -10.20
N GLY B 26 6.97 28.67 -9.07
CA GLY B 26 8.37 28.37 -8.91
C GLY B 26 8.62 26.95 -8.42
N ASP B 27 7.56 26.25 -8.00
CA ASP B 27 7.69 24.84 -7.55
C ASP B 27 7.51 23.91 -8.75
N SER B 28 8.20 22.77 -8.78
CA SER B 28 7.91 21.69 -9.72
C SER B 28 7.84 20.36 -9.03
N PHE B 29 7.22 19.40 -9.68
CA PHE B 29 7.25 18.01 -9.19
C PHE B 29 7.27 17.07 -10.37
N PHE B 30 7.75 15.85 -10.13
CA PHE B 30 7.60 14.76 -11.07
C PHE B 30 7.24 13.50 -10.27
N MET B 31 6.27 12.74 -10.76
CA MET B 31 5.97 11.45 -10.15
C MET B 31 5.51 10.45 -11.19
N LYS B 32 6.07 9.24 -11.12
CA LYS B 32 5.63 8.15 -11.99
C LYS B 32 5.69 6.88 -11.13
N ALA B 33 4.58 6.15 -11.10
CA ALA B 33 4.58 4.85 -10.43
C ALA B 33 4.23 3.81 -11.48
N ASP B 34 4.85 2.65 -11.41
CA ASP B 34 4.34 1.49 -12.14
C ASP B 34 4.21 0.30 -11.16
N ASP B 35 4.06 -0.91 -11.69
CA ASP B 35 3.84 -2.07 -10.80
C ASP B 35 5.05 -2.38 -9.93
N LYS B 36 6.24 -1.97 -10.36
CA LYS B 36 7.45 -2.29 -9.59
C LYS B 36 7.98 -1.17 -8.70
N GLU B 37 7.83 0.07 -9.16
CA GLU B 37 8.51 1.16 -8.44
C GLU B 37 7.86 2.55 -8.58
N LEU B 38 8.22 3.45 -7.68
CA LEU B 38 7.80 4.82 -7.79
C LEU B 38 9.03 5.69 -7.88
N ILE B 39 8.95 6.74 -8.70
CA ILE B 39 9.93 7.82 -8.56
C ILE B 39 9.17 9.12 -8.35
N CYS B 40 9.64 9.94 -7.41
CA CYS B 40 8.96 11.16 -7.00
CA CYS B 40 9.03 11.25 -7.28
C CYS B 40 10.00 12.28 -6.77
N ALA B 41 9.78 13.49 -7.26
CA ALA B 41 10.69 14.58 -6.92
C ALA B 41 9.87 15.84 -6.75
N VAL B 42 10.28 16.67 -5.80
CA VAL B 42 9.67 17.97 -5.60
C VAL B 42 10.79 19.01 -5.51
N ALA B 43 10.67 20.14 -6.23
CA ALA B 43 11.70 21.18 -6.18
C ALA B 43 11.09 22.56 -6.08
N ASP B 44 11.86 23.50 -5.52
CA ASP B 44 11.42 24.86 -5.32
C ASP B 44 12.55 25.75 -5.82
N GLY B 45 12.34 26.41 -6.97
CA GLY B 45 13.41 27.18 -7.57
C GLY B 45 13.71 28.45 -6.78
N LEU B 46 14.98 28.83 -6.72
CA LEU B 46 15.34 30.11 -6.08
C LEU B 46 14.97 31.30 -6.98
N GLY B 47 14.93 32.48 -6.37
CA GLY B 47 14.54 33.69 -7.09
C GLY B 47 13.05 33.65 -7.37
N SER B 48 12.65 34.39 -8.40
CA SER B 48 11.26 34.52 -8.79
C SER B 48 11.06 34.50 -10.32
N GLY B 49 9.80 34.65 -10.73
CA GLY B 49 9.41 34.65 -12.15
C GLY B 49 9.78 33.39 -12.90
N SER B 50 10.07 33.56 -14.18
CA SER B 50 10.41 32.43 -15.05
C SER B 50 11.67 31.71 -14.62
N LEU B 51 12.59 32.46 -14.00
CA LEU B 51 13.87 31.91 -13.64
C LEU B 51 13.81 30.90 -12.49
N ALA B 52 12.95 31.12 -11.50
CA ALA B 52 12.67 30.07 -10.48
C ALA B 52 12.11 28.81 -11.17
N ASN B 53 11.14 29.00 -12.03
CA ASN B 53 10.50 27.88 -12.73
C ASN B 53 11.51 27.14 -13.59
N GLU B 54 12.36 27.86 -14.30
CA GLU B 54 13.43 27.26 -15.09
C GLU B 54 14.30 26.27 -14.32
N SER B 55 14.70 26.63 -13.09
CA SER B 55 15.50 25.75 -12.26
C SER B 55 14.68 24.50 -11.80
N SER B 56 13.52 24.73 -11.20
CA SER B 56 12.74 23.57 -10.72
C SER B 56 12.22 22.71 -11.88
N ALA B 57 11.87 23.34 -13.00
CA ALA B 57 11.45 22.60 -14.18
C ALA B 57 12.57 21.73 -14.78
N ALA B 58 13.81 22.21 -14.70
CA ALA B 58 14.99 21.42 -15.15
C ALA B 58 15.14 20.16 -14.32
N ILE B 59 14.91 20.30 -13.02
CA ILE B 59 14.93 19.13 -12.12
C ILE B 59 13.81 18.14 -12.48
N LYS B 60 12.60 18.64 -12.71
CA LYS B 60 11.48 17.80 -13.14
C LYS B 60 11.88 16.93 -14.35
N ASP B 61 12.45 17.59 -15.33
CA ASP B 61 12.82 16.94 -16.60
C ASP B 61 13.90 15.88 -16.42
N LEU B 62 14.92 16.21 -15.62
CA LEU B 62 16.03 15.29 -15.37
C LEU B 62 15.58 14.09 -14.58
N VAL B 63 14.68 14.29 -13.62
CA VAL B 63 14.23 13.14 -12.80
C VAL B 63 13.40 12.20 -13.68
N GLU B 64 12.60 12.76 -14.57
CA GLU B 64 11.85 11.94 -15.55
C GLU B 64 12.78 11.15 -16.47
N ASN B 65 13.75 11.82 -17.10
CA ASN B 65 14.64 11.13 -18.06
C ASN B 65 15.57 10.09 -17.49
N TYR B 66 16.08 10.37 -16.28
CA TYR B 66 17.11 9.56 -15.67
C TYR B 66 16.59 8.78 -14.47
N ALA B 67 15.26 8.61 -14.41
CA ALA B 67 14.58 7.88 -13.28
C ALA B 67 15.17 6.53 -12.95
N SER B 68 15.81 5.91 -13.94
CA SER B 68 16.37 4.58 -13.77
C SER B 68 17.68 4.57 -12.96
N GLU B 69 18.35 5.70 -12.91
CA GLU B 69 19.58 5.84 -12.12
C GLU B 69 19.28 5.93 -10.61
N ASP B 70 20.28 5.74 -9.78
CA ASP B 70 20.03 5.82 -8.32
C ASP B 70 19.78 7.29 -7.91
N VAL B 71 19.09 7.52 -6.78
CA VAL B 71 18.74 8.90 -6.38
C VAL B 71 19.92 9.87 -6.30
N GLU B 72 21.05 9.38 -5.81
CA GLU B 72 22.22 10.22 -5.67
C GLU B 72 22.76 10.63 -7.04
N SER B 73 22.70 9.73 -8.01
CA SER B 73 23.13 10.06 -9.35
C SER B 73 22.20 11.06 -10.00
N ILE B 74 20.89 10.87 -9.79
CA ILE B 74 19.89 11.81 -10.31
C ILE B 74 20.11 13.19 -9.70
N ILE B 75 20.23 13.29 -8.37
CA ILE B 75 20.28 14.61 -7.75
C ILE B 75 21.58 15.34 -8.16
N GLU B 76 22.64 14.59 -8.46
CA GLU B 76 23.86 15.26 -8.97
C GLU B 76 23.68 15.82 -10.38
N ARG B 77 22.94 15.09 -11.23
CA ARG B 77 22.60 15.63 -12.53
C ARG B 77 21.83 16.94 -12.35
N CYS B 78 20.92 16.92 -11.35
CA CYS B 78 20.10 18.11 -11.06
C CYS B 78 21.01 19.27 -10.62
N ASN B 79 21.97 18.95 -9.77
CA ASN B 79 22.91 19.95 -9.27
C ASN B 79 23.71 20.57 -10.42
N GLN B 80 24.21 19.73 -11.32
CA GLN B 80 24.97 20.19 -12.51
C GLN B 80 24.16 21.13 -13.38
N ALA B 81 22.86 20.82 -13.53
CA ALA B 81 21.99 21.62 -14.37
C ALA B 81 21.71 22.99 -13.73
N MET B 82 22.08 23.16 -12.48
CA MET B 82 21.85 24.43 -11.77
C MET B 82 22.95 25.47 -11.98
N LYS B 83 24.03 25.05 -12.62
CA LYS B 83 25.26 25.85 -12.69
C LYS B 83 25.07 27.26 -13.18
N ASN B 84 24.35 27.44 -14.25
CA ASN B 84 24.19 28.84 -14.65
C ASN B 84 22.77 29.33 -14.47
N LYS B 85 22.11 28.83 -13.45
CA LYS B 85 20.72 29.14 -13.20
C LYS B 85 20.53 29.61 -11.75
N ARG B 86 19.30 29.90 -11.36
CA ARG B 86 18.99 30.33 -9.98
C ARG B 86 19.35 29.28 -8.97
N GLY B 87 19.07 28.03 -9.30
CA GLY B 87 19.26 26.96 -8.31
C GLY B 87 17.90 26.59 -7.74
N ALA B 88 17.89 25.51 -6.96
CA ALA B 88 16.65 25.04 -6.39
C ALA B 88 16.93 24.21 -5.17
N THR B 89 15.98 24.26 -4.25
CA THR B 89 15.93 23.21 -3.22
C THR B 89 15.12 22.02 -3.76
N ALA B 90 15.48 20.81 -3.34
CA ALA B 90 14.85 19.63 -3.96
C ALA B 90 14.99 18.39 -3.12
N SER B 91 14.04 17.47 -3.34
CA SER B 91 14.04 16.17 -2.70
C SER B 91 13.64 15.14 -3.75
N ILE B 92 14.34 14.01 -3.73
CA ILE B 92 14.08 12.89 -4.64
C ILE B 92 13.86 11.61 -3.85
N LEU B 93 12.78 10.87 -4.20
CA LEU B 93 12.43 9.63 -3.52
C LEU B 93 12.20 8.55 -4.57
N LYS B 94 12.81 7.38 -4.37
CA LYS B 94 12.49 6.22 -5.15
C LYS B 94 12.02 5.11 -4.20
N ILE B 95 11.04 4.34 -4.67
CA ILE B 95 10.52 3.26 -3.85
C ILE B 95 10.47 2.01 -4.72
N ASN B 96 10.97 0.92 -4.18
CA ASN B 96 10.80 -0.41 -4.79
C ASN B 96 9.72 -1.15 -3.96
N PHE B 97 8.60 -1.50 -4.62
CA PHE B 97 7.43 -2.00 -3.90
C PHE B 97 7.65 -3.44 -3.41
N GLU B 98 8.25 -4.28 -4.26
CA GLU B 98 8.47 -5.70 -3.87
C GLU B 98 9.28 -5.82 -2.58
N GLN B 99 10.32 -5.01 -2.47
CA GLN B 99 11.18 -5.05 -1.29
CA GLN B 99 11.21 -5.01 -1.30
C GLN B 99 10.69 -4.12 -0.17
N ARG B 100 9.63 -3.35 -0.45
CA ARG B 100 9.20 -2.27 0.43
C ARG B 100 10.42 -1.46 0.88
N GLN B 101 11.24 -1.05 -0.08
CA GLN B 101 12.43 -0.28 0.24
C GLN B 101 12.36 1.09 -0.39
N PHE B 102 12.75 2.11 0.35
CA PHE B 102 12.84 3.46 -0.27
C PHE B 102 14.26 4.03 -0.17
N THR B 103 14.57 4.92 -1.11
CA THR B 103 15.87 5.63 -1.10
C THR B 103 15.53 7.11 -1.25
N TYR B 104 16.18 7.93 -0.44
CA TYR B 104 15.80 9.36 -0.42
C TYR B 104 17.05 10.24 -0.39
N CYS B 105 17.05 11.33 -1.16
CA CYS B 105 18.17 12.28 -1.10
C CYS B 105 17.64 13.67 -1.34
N SER B 106 18.17 14.62 -0.56
CA SER B 106 17.60 15.97 -0.58
C SER B 106 18.65 17.01 -0.27
N VAL B 107 18.49 18.20 -0.85
CA VAL B 107 19.26 19.38 -0.43
C VAL B 107 18.29 20.56 -0.28
N GLY B 108 18.27 21.21 0.90
CA GLY B 108 17.41 22.40 1.10
C GLY B 108 16.17 22.07 1.93
N ASN B 109 15.14 22.92 1.79
CA ASN B 109 14.00 22.94 2.69
C ASN B 109 12.73 22.30 2.15
N VAL B 110 12.86 21.37 1.19
CA VAL B 110 11.74 20.55 0.77
C VAL B 110 11.75 19.37 1.75
N ARG B 111 10.64 19.18 2.48
CA ARG B 111 10.60 18.21 3.57
C ARG B 111 9.95 16.90 3.19
N PHE B 112 10.36 15.83 3.88
CA PHE B 112 9.82 14.49 3.67
C PHE B 112 9.56 13.87 5.04
N ILE B 113 8.37 13.31 5.24
CA ILE B 113 8.02 12.68 6.49
C ILE B 113 7.35 11.38 6.10
N LEU B 114 7.86 10.26 6.61
CA LEU B 114 7.21 8.96 6.39
C LEU B 114 6.82 8.39 7.75
N HIS B 115 5.53 8.12 7.94
CA HIS B 115 5.04 7.64 9.22
C HIS B 115 4.61 6.19 9.11
N SER B 116 5.02 5.36 10.06
CA SER B 116 4.57 3.96 10.05
C SER B 116 3.39 3.71 10.98
N PRO B 117 2.61 2.66 10.70
CA PRO B 117 1.45 2.40 11.55
C PRO B 117 1.82 2.01 12.99
N SER B 118 3.09 1.69 13.21
CA SER B 118 3.62 1.35 14.52
C SER B 118 4.03 2.61 15.32
N GLY B 119 3.96 3.79 14.69
CA GLY B 119 4.20 5.08 15.34
C GLY B 119 5.55 5.66 15.01
N GLU B 120 6.36 4.91 14.25
CA GLU B 120 7.69 5.36 13.89
C GLU B 120 7.62 6.35 12.73
N SER B 121 8.47 7.37 12.76
CA SER B 121 8.54 8.31 11.63
CA SER B 121 8.55 8.33 11.66
C SER B 121 10.00 8.52 11.17
N PHE B 122 10.17 8.57 9.86
CA PHE B 122 11.43 8.98 9.27
C PHE B 122 11.14 10.43 8.91
N TYR B 123 11.88 11.34 9.55
CA TYR B 123 11.59 12.76 9.38
C TYR B 123 12.90 13.52 9.45
N PRO B 124 13.72 13.41 8.39
CA PRO B 124 15.02 14.03 8.44
C PRO B 124 14.93 15.55 8.53
N LEU B 125 15.89 16.14 9.24
CA LEU B 125 16.02 17.57 9.24
C LEU B 125 16.41 18.09 7.85
N PRO B 126 16.04 19.34 7.55
CA PRO B 126 16.38 19.90 6.24
C PRO B 126 17.88 20.11 6.21
N ILE B 127 18.46 19.85 5.05
CA ILE B 127 19.89 20.09 4.79
C ILE B 127 20.02 21.56 4.36
N SER B 128 20.90 22.32 5.00
CA SER B 128 21.08 23.72 4.67
C SER B 128 21.56 23.86 3.22
N GLY B 129 21.38 25.05 2.65
CA GLY B 129 21.84 25.32 1.29
C GLY B 129 20.82 24.95 0.23
N TYR B 130 21.28 24.81 -1.01
CA TYR B 130 20.38 24.49 -2.12
C TYR B 130 21.27 23.92 -3.21
N LEU B 131 20.67 23.34 -4.26
CA LEU B 131 21.41 22.85 -5.42
C LEU B 131 21.78 24.05 -6.28
N SER B 132 23.07 24.34 -6.37
CA SER B 132 23.55 25.55 -7.02
C SER B 132 24.52 25.26 -8.18
N GLY B 133 24.90 24.00 -8.30
CA GLY B 133 25.92 23.58 -9.23
C GLY B 133 27.29 23.49 -8.61
N LYS B 134 27.45 24.02 -7.41
CA LYS B 134 28.66 23.80 -6.62
C LYS B 134 28.68 22.39 -5.97
N PRO B 135 29.87 21.93 -5.55
CA PRO B 135 29.98 20.57 -4.99
C PRO B 135 29.13 20.32 -3.76
N GLN B 136 28.49 19.15 -3.73
CA GLN B 136 27.67 18.76 -2.61
C GLN B 136 28.21 17.48 -1.99
N LYS B 137 28.07 17.33 -0.68
CA LYS B 137 28.27 16.03 -0.04
C LYS B 137 26.90 15.51 0.37
N TYR B 138 26.37 14.62 -0.47
CA TYR B 138 24.99 14.14 -0.33
C TYR B 138 24.86 13.16 0.78
N LYS B 139 23.67 13.13 1.38
CA LYS B 139 23.33 12.09 2.37
C LYS B 139 22.14 11.34 1.81
N THR B 140 22.35 10.10 1.41
CA THR B 140 21.27 9.31 0.84
C THR B 140 20.80 8.38 1.89
N HIS B 141 19.49 8.30 2.10
CA HIS B 141 18.94 7.38 3.09
CA HIS B 141 18.92 7.38 3.07
C HIS B 141 18.31 6.18 2.36
N THR B 142 18.56 4.98 2.89
CA THR B 142 17.91 3.77 2.36
C THR B 142 17.29 3.07 3.53
N ALA B 143 15.99 2.73 3.44
CA ALA B 143 15.32 2.05 4.53
C ALA B 143 14.13 1.24 4.03
N THR B 144 13.64 0.36 4.88
CA THR B 144 12.46 -0.42 4.57
CA THR B 144 12.47 -0.46 4.59
C THR B 144 11.24 0.21 5.23
N TYR B 145 10.10 0.15 4.56
CA TYR B 145 8.84 0.65 5.18
C TYR B 145 7.90 -0.50 5.42
N GLU B 146 7.01 -0.32 6.40
CA GLU B 146 5.99 -1.35 6.68
C GLU B 146 4.73 -1.04 5.90
N LYS B 147 3.98 -2.09 5.53
CA LYS B 147 2.65 -1.87 4.96
C LYS B 147 1.79 -0.93 5.81
N GLY B 148 1.11 0.00 5.14
CA GLY B 148 0.28 0.99 5.82
C GLY B 148 0.99 2.31 6.07
N SER B 149 2.29 2.38 5.77
CA SER B 149 3.05 3.64 5.91
C SER B 149 2.44 4.75 5.01
N LYS B 150 2.45 5.98 5.53
CA LYS B 150 1.90 7.16 4.83
C LYS B 150 3.01 8.19 4.84
N PHE B 151 3.16 8.93 3.74
CA PHE B 151 4.22 9.95 3.69
C PHE B 151 3.77 11.21 3.00
N ILE B 152 4.50 12.29 3.23
CA ILE B 152 4.29 13.56 2.51
C ILE B 152 5.66 14.09 2.12
N ILE B 153 5.77 14.66 0.93
CA ILE B 153 6.87 15.53 0.60
C ILE B 153 6.29 16.88 0.27
N HIS B 154 6.88 17.94 0.83
CA HIS B 154 6.27 19.24 0.64
C HIS B 154 7.25 20.39 0.52
N THR B 155 6.89 21.39 -0.27
CA THR B 155 7.72 22.59 -0.29
C THR B 155 7.42 23.50 0.91
N ASP B 156 8.28 24.49 1.11
CA ASP B 156 8.15 25.39 2.25
C ASP B 156 6.87 26.26 2.28
N GLY B 157 6.10 26.27 1.19
CA GLY B 157 4.84 27.01 1.18
C GLY B 157 3.80 26.37 2.09
N LEU B 158 3.99 25.09 2.42
CA LEU B 158 3.13 24.37 3.36
C LEU B 158 3.77 24.43 4.73
N ASN B 159 3.12 25.15 5.63
CA ASN B 159 3.67 25.40 6.96
C ASN B 159 2.67 24.82 7.96
N VAL B 160 3.00 23.63 8.47
CA VAL B 160 2.12 22.84 9.37
C VAL B 160 2.88 22.57 10.66
N PRO B 161 2.28 22.85 11.82
CA PRO B 161 3.04 22.70 13.06
C PRO B 161 3.36 21.24 13.35
N ASP B 162 2.44 20.35 13.04
CA ASP B 162 2.56 18.98 13.45
C ASP B 162 2.16 18.02 12.33
N ILE B 163 2.95 17.99 11.27
CA ILE B 163 2.57 17.22 10.11
C ILE B 163 2.35 15.72 10.46
N ARG B 164 3.17 15.22 11.37
CA ARG B 164 3.06 13.81 11.76
C ARG B 164 1.65 13.44 12.25
N SER B 165 1.04 14.31 13.07
CA SER B 165 -0.36 14.10 13.50
C SER B 165 -1.36 13.91 12.34
N HIS B 166 -1.17 14.68 11.26
CA HIS B 166 -2.03 14.53 10.08
C HIS B 166 -1.89 13.17 9.40
N LEU B 167 -0.65 12.69 9.29
CA LEU B 167 -0.36 11.37 8.69
C LEU B 167 -0.96 10.23 9.52
N LYS B 168 -0.88 10.37 10.85
CA LYS B 168 -1.34 9.35 11.80
C LYS B 168 -2.87 9.28 11.77
N LYS B 169 -3.51 10.45 11.85
CA LYS B 169 -4.98 10.54 11.93
C LYS B 169 -5.72 10.17 10.68
N GLY B 170 -5.18 10.52 9.52
CA GLY B 170 -5.88 10.32 8.24
C GLY B 170 -5.74 8.91 7.73
N GLN B 171 -6.81 8.39 7.15
CA GLN B 171 -6.85 6.98 6.76
C GLN B 171 -6.75 6.80 5.24
N SER B 172 -6.67 7.92 4.51
CA SER B 172 -6.47 7.93 3.07
C SER B 172 -5.73 9.22 2.73
N VAL B 173 -5.14 9.28 1.55
CA VAL B 173 -4.51 10.53 1.11
C VAL B 173 -5.52 11.69 0.95
N GLU B 174 -6.74 11.37 0.50
CA GLU B 174 -7.78 12.40 0.40
C GLU B 174 -8.09 13.03 1.77
N GLU B 175 -8.28 12.19 2.80
CA GLU B 175 -8.53 12.62 4.16
C GLU B 175 -7.38 13.45 4.69
N ILE B 176 -6.15 13.02 4.42
CA ILE B 176 -4.99 13.79 4.90
C ILE B 176 -4.99 15.15 4.18
N SER B 177 -5.26 15.14 2.88
CA SER B 177 -5.21 16.38 2.12
C SER B 177 -6.28 17.35 2.68
N ASN B 178 -7.47 16.80 2.98
CA ASN B 178 -8.54 17.63 3.55
C ASN B 178 -8.19 18.19 4.92
N SER B 179 -7.47 17.41 5.72
CA SER B 179 -7.02 17.88 7.02
C SER B 179 -5.99 18.99 6.92
N LEU B 180 -5.33 19.11 5.75
CA LEU B 180 -4.33 20.17 5.57
C LEU B 180 -4.87 21.44 4.94
N LYS B 181 -6.13 21.44 4.48
CA LYS B 181 -6.71 22.59 3.76
C LYS B 181 -6.58 23.93 4.52
N MET B 182 -6.71 23.84 5.84
CA MET B 182 -6.60 24.99 6.74
C MET B 182 -5.28 25.72 6.57
N TYR B 183 -4.26 25.00 6.10
CA TYR B 183 -2.91 25.57 5.91
C TYR B 183 -2.63 26.05 4.50
N THR B 184 -3.60 25.90 3.59
CA THR B 184 -3.36 26.17 2.16
C THR B 184 -4.02 27.47 1.66
N THR B 185 -4.72 28.16 2.56
CA THR B 185 -5.58 29.24 2.09
C THR B 185 -4.92 30.59 2.20
N SER B 186 -3.90 30.75 3.04
CA SER B 186 -3.18 32.03 3.04
C SER B 186 -2.48 32.34 1.70
N ARG B 187 -1.98 31.30 1.03
CA ARG B 187 -1.28 31.40 -0.27
C ARG B 187 -0.16 32.47 -0.29
N LYS B 188 0.65 32.52 0.78
CA LYS B 188 1.82 33.44 0.80
C LYS B 188 3.07 32.94 0.00
N ASP B 189 3.04 31.67 -0.39
CA ASP B 189 4.07 31.14 -1.29
C ASP B 189 3.44 30.06 -2.17
N ASP B 190 4.08 29.69 -3.28
CA ASP B 190 3.72 28.49 -4.00
C ASP B 190 3.71 27.36 -2.95
N LEU B 191 2.77 26.44 -3.07
CA LEU B 191 2.67 25.36 -2.09
C LEU B 191 2.45 24.07 -2.90
N THR B 192 3.34 23.08 -2.68
CA THR B 192 3.25 21.83 -3.42
C THR B 192 3.44 20.74 -2.38
N TYR B 193 2.56 19.75 -2.42
CA TYR B 193 2.82 18.53 -1.65
C TYR B 193 2.40 17.28 -2.40
N ILE B 194 3.10 16.19 -2.09
CA ILE B 194 2.75 14.87 -2.57
C ILE B 194 2.47 13.98 -1.36
N LEU B 195 1.31 13.34 -1.33
CA LEU B 195 0.95 12.41 -0.27
C LEU B 195 0.94 11.01 -0.84
N GLY B 196 1.35 10.05 -0.02
CA GLY B 196 1.30 8.67 -0.45
C GLY B 196 0.90 7.77 0.67
N GLN B 197 0.09 6.77 0.33
CA GLN B 197 -0.23 5.68 1.25
C GLN B 197 0.24 4.37 0.62
N LEU B 198 1.05 3.62 1.37
CA LEU B 198 1.75 2.45 0.84
C LEU B 198 1.15 1.16 1.39
N SER B 199 0.88 0.22 0.47
CA SER B 199 0.29 -1.06 0.85
C SER B 199 1.39 -2.04 1.26
CO CO C . 2.23 -9.84 4.87
CO CO D . 8.82 28.16 -1.68
#